data_4IB2
#
_entry.id   4IB2
#
_cell.length_a   40.099
_cell.length_b   52.454
_cell.length_c   54.908
_cell.angle_alpha   99.810
_cell.angle_beta   87.500
_cell.angle_gamma   94.960
#
_symmetry.space_group_name_H-M   'P 1'
#
loop_
_entity.id
_entity.type
_entity.pdbx_description
1 polymer 'Putative Lipoprotein'
2 non-polymer 'CHLORIDE ION'
3 non-polymer METHIONINE
4 non-polymer GLYCEROL
5 water water
#
_entity_poly.entity_id   1
_entity_poly.type   'polypeptide(L)'
_entity_poly.pdbx_seq_one_letter_code
;GEEKGSSEDAKTIKVAASATPHAEILEQAKSILKKEGYQLEVTVFDDYVQPNEVVESGEFDANYFQHVPYLESFNEEKGT
HLVDAGDIHYEPFGIYPGTKKSLDEISEGDKIAVPNDTTNEARALLLLQDNGIITLKDGAGLNATVNDIEENPYNVEIVE
LEAAQVARVTGETAYVVLNGNYALEAGYSVAKDALAYEKSDSEAAKTYVNIIAVKEGNEKEEKIQALVKALKSDEIKEYI
EKTYDGAVIPFE
;
_entity_poly.pdbx_strand_id   A,B
#
# COMPACT_ATOMS: atom_id res chain seq x y z
N SER A 6 -25.47 24.10 31.76
CA SER A 6 -24.96 23.08 30.86
C SER A 6 -25.94 21.86 30.72
N SER A 7 -27.11 21.86 31.41
CA SER A 7 -28.09 20.75 31.30
C SER A 7 -28.62 20.60 29.87
N GLU A 8 -28.89 21.73 29.18
CA GLU A 8 -29.33 21.69 27.78
C GLU A 8 -28.16 21.27 26.89
N ASP A 9 -26.93 21.71 27.23
CA ASP A 9 -25.69 21.38 26.54
C ASP A 9 -25.46 19.89 26.59
N ALA A 10 -25.70 19.26 27.78
CA ALA A 10 -25.49 17.83 28.02
C ALA A 10 -26.32 16.94 27.07
N LYS A 11 -27.46 17.44 26.57
CA LYS A 11 -28.34 16.66 25.69
C LYS A 11 -28.14 16.99 24.20
N THR A 12 -27.42 18.07 23.89
CA THR A 12 -27.23 18.47 22.49
CA THR A 12 -27.20 18.54 22.53
C THR A 12 -25.80 18.12 22.03
N ILE A 13 -25.69 17.66 20.78
CA ILE A 13 -24.37 17.32 20.22
C ILE A 13 -24.23 18.13 18.92
N LYS A 14 -23.41 19.19 18.93
CA LYS A 14 -23.22 20.07 17.78
C LYS A 14 -22.01 19.58 16.98
N VAL A 15 -22.22 19.13 15.75
CA VAL A 15 -21.14 18.55 14.93
C VAL A 15 -20.96 19.30 13.59
N ALA A 16 -19.71 19.72 13.32
CA ALA A 16 -19.28 20.37 12.09
C ALA A 16 -18.85 19.24 11.12
N ALA A 17 -19.37 19.23 9.90
CA ALA A 17 -19.04 18.08 9.01
C ALA A 17 -18.99 18.44 7.55
N SER A 18 -18.34 17.56 6.75
CA SER A 18 -18.34 17.66 5.30
C SER A 18 -19.73 17.28 4.80
N ALA A 19 -20.09 17.73 3.59
CA ALA A 19 -21.43 17.51 3.03
C ALA A 19 -21.74 16.04 2.78
N THR A 20 -20.81 15.33 2.14
CA THR A 20 -20.99 13.92 1.76
C THR A 20 -19.64 13.21 1.87
N PRO A 21 -19.57 12.05 2.53
CA PRO A 21 -20.68 11.31 3.16
C PRO A 21 -21.06 11.80 4.56
N HIS A 22 -20.18 12.54 5.22
CA HIS A 22 -20.22 12.88 6.65
C HIS A 22 -21.58 13.39 7.14
N ALA A 23 -22.15 14.43 6.51
CA ALA A 23 -23.43 14.95 6.98
C ALA A 23 -24.59 13.98 6.71
N GLU A 24 -24.50 13.19 5.61
CA GLU A 24 -25.52 12.20 5.26
C GLU A 24 -25.48 11.06 6.28
N ILE A 25 -24.27 10.64 6.67
CA ILE A 25 -24.12 9.60 7.68
C ILE A 25 -24.68 10.12 9.02
N LEU A 26 -24.34 11.35 9.40
CA LEU A 26 -24.84 11.95 10.65
C LEU A 26 -26.36 12.07 10.65
N GLU A 27 -26.98 12.39 9.49
CA GLU A 27 -28.45 12.49 9.37
C GLU A 27 -29.11 11.14 9.74
N GLN A 28 -28.51 10.02 9.30
CA GLN A 28 -29.00 8.67 9.60
C GLN A 28 -28.84 8.36 11.09
N ALA A 29 -27.75 8.83 11.68
CA ALA A 29 -27.46 8.62 13.12
C ALA A 29 -28.35 9.47 14.03
N LYS A 30 -28.97 10.56 13.51
CA LYS A 30 -29.82 11.46 14.30
C LYS A 30 -30.93 10.69 15.02
N SER A 31 -31.57 9.71 14.35
CA SER A 31 -32.67 8.93 14.97
C SER A 31 -32.15 8.00 16.07
N ILE A 32 -30.93 7.42 15.88
CA ILE A 32 -30.27 6.58 16.89
C ILE A 32 -30.05 7.39 18.17
N LEU A 33 -29.43 8.59 18.03
CA LEU A 33 -29.11 9.43 19.16
C LEU A 33 -30.37 10.01 19.83
N LYS A 34 -31.42 10.32 19.05
CA LYS A 34 -32.71 10.83 19.57
C LYS A 34 -33.31 9.81 20.55
N LYS A 35 -33.33 8.52 20.18
CA LYS A 35 -33.85 7.41 21.01
C LYS A 35 -33.07 7.30 22.34
N GLU A 36 -31.82 7.77 22.37
CA GLU A 36 -30.94 7.77 23.53
C GLU A 36 -30.99 9.09 24.34
N GLY A 37 -31.83 10.03 23.92
CA GLY A 37 -32.02 11.31 24.60
C GLY A 37 -31.09 12.42 24.15
N TYR A 38 -30.41 12.24 23.00
CA TYR A 38 -29.51 13.27 22.49
C TYR A 38 -30.08 13.96 21.26
N GLN A 39 -29.80 15.25 21.12
CA GLN A 39 -30.23 16.04 19.96
C GLN A 39 -29.01 16.37 19.11
N LEU A 40 -28.82 15.61 18.02
CA LEU A 40 -27.70 15.81 17.10
C LEU A 40 -28.00 16.96 16.14
N GLU A 41 -27.10 17.96 16.09
CA GLU A 41 -27.25 19.17 15.26
C GLU A 41 -26.05 19.26 14.36
N VAL A 42 -26.29 19.15 13.07
CA VAL A 42 -25.21 19.11 12.08
C VAL A 42 -25.11 20.42 11.31
N THR A 43 -23.87 20.95 11.20
CA THR A 43 -23.61 22.12 10.37
C THR A 43 -22.63 21.63 9.28
N VAL A 44 -22.97 21.89 8.01
CA VAL A 44 -22.15 21.45 6.88
C VAL A 44 -21.14 22.55 6.52
N PHE A 45 -19.86 22.16 6.39
CA PHE A 45 -18.76 23.03 5.93
C PHE A 45 -18.23 22.53 4.59
N ASP A 46 -17.76 23.46 3.73
CA ASP A 46 -17.24 23.19 2.38
CA ASP A 46 -17.26 23.05 2.42
C ASP A 46 -15.72 23.01 2.37
N ASP A 47 -15.05 23.26 3.50
CA ASP A 47 -13.60 23.29 3.53
C ASP A 47 -13.01 22.37 4.60
N TYR A 48 -11.68 22.34 4.71
CA TYR A 48 -10.98 21.48 5.68
C TYR A 48 -10.40 22.26 6.86
N VAL A 49 -10.61 23.59 6.90
CA VAL A 49 -9.99 24.41 7.94
C VAL A 49 -11.00 24.80 9.02
N GLN A 50 -12.15 25.39 8.61
CA GLN A 50 -13.14 25.85 9.60
C GLN A 50 -13.68 24.72 10.52
N PRO A 51 -13.90 23.46 10.09
CA PRO A 51 -14.42 22.44 11.04
C PRO A 51 -13.55 22.24 12.28
N ASN A 52 -12.19 22.32 12.16
CA ASN A 52 -11.33 22.25 13.34
C ASN A 52 -11.36 23.56 14.13
N GLU A 53 -11.37 24.73 13.44
CA GLU A 53 -11.38 26.01 14.15
CA GLU A 53 -11.39 26.02 14.14
C GLU A 53 -12.64 26.17 15.00
N VAL A 54 -13.81 25.71 14.50
CA VAL A 54 -15.08 25.86 15.23
C VAL A 54 -15.23 24.86 16.41
N VAL A 55 -14.38 23.80 16.47
CA VAL A 55 -14.37 22.87 17.61
C VAL A 55 -13.37 23.41 18.60
N GLU A 56 -12.20 23.90 18.09
CA GLU A 56 -11.18 24.45 18.99
C GLU A 56 -11.74 25.66 19.82
N SER A 57 -12.60 26.49 19.18
CA SER A 57 -13.22 27.68 19.80
C SER A 57 -14.30 27.31 20.83
N GLY A 58 -14.77 26.06 20.78
CA GLY A 58 -15.82 25.56 21.66
C GLY A 58 -17.21 25.78 21.14
N GLU A 59 -17.35 26.31 19.90
CA GLU A 59 -18.66 26.54 19.32
C GLU A 59 -19.38 25.20 19.08
N PHE A 60 -18.63 24.22 18.57
CA PHE A 60 -19.12 22.87 18.31
C PHE A 60 -18.52 21.88 19.27
N ASP A 61 -19.27 20.83 19.58
CA ASP A 61 -18.77 19.77 20.44
C ASP A 61 -17.76 18.92 19.71
N ALA A 62 -17.98 18.68 18.41
CA ALA A 62 -17.13 17.78 17.66
C ALA A 62 -17.18 18.09 16.19
N ASN A 63 -16.29 17.42 15.40
CA ASN A 63 -16.37 17.54 13.95
C ASN A 63 -16.20 16.15 13.37
N TYR A 64 -16.65 15.97 12.13
CA TYR A 64 -16.59 14.70 11.44
C TYR A 64 -16.27 15.01 10.01
N PHE A 65 -14.97 15.05 9.67
CA PHE A 65 -14.54 15.43 8.31
C PHE A 65 -13.11 15.01 7.97
N GLN A 66 -12.25 14.74 8.96
CA GLN A 66 -10.81 14.53 8.72
C GLN A 66 -10.28 13.16 9.15
N HIS A 67 -9.11 12.82 8.63
CA HIS A 67 -8.42 11.60 9.02
C HIS A 67 -7.37 11.93 10.06
N VAL A 68 -6.81 10.90 10.68
CA VAL A 68 -5.86 11.01 11.80
C VAL A 68 -4.61 11.81 11.33
N PRO A 69 -3.94 11.50 10.21
CA PRO A 69 -2.76 12.29 9.81
C PRO A 69 -3.09 13.78 9.66
N TYR A 70 -4.29 14.10 9.08
CA TYR A 70 -4.71 15.48 8.93
C TYR A 70 -4.84 16.17 10.29
N LEU A 71 -5.50 15.53 11.26
CA LEU A 71 -5.64 16.10 12.61
C LEU A 71 -4.28 16.38 13.24
N GLU A 72 -3.35 15.39 13.19
CA GLU A 72 -2.00 15.56 13.81
C GLU A 72 -1.26 16.75 13.19
N SER A 73 -1.32 16.87 11.88
CA SER A 73 -0.67 17.96 11.14
CA SER A 73 -0.67 17.96 11.16
C SER A 73 -1.37 19.29 11.45
N PHE A 74 -2.72 19.28 11.60
CA PHE A 74 -3.47 20.51 11.90
C PHE A 74 -3.11 21.00 13.33
N ASN A 75 -3.02 20.07 14.32
CA ASN A 75 -2.60 20.41 15.71
C ASN A 75 -1.20 21.06 15.69
N GLU A 76 -0.27 20.54 14.88
CA GLU A 76 1.10 21.10 14.77
C GLU A 76 1.17 22.41 13.99
N GLU A 77 0.53 22.44 12.80
CA GLU A 77 0.58 23.60 11.89
C GLU A 77 -0.34 24.74 12.27
N LYS A 78 -1.43 24.49 13.02
CA LYS A 78 -2.38 25.55 13.35
C LYS A 78 -2.52 25.81 14.85
N GLY A 79 -1.80 25.06 15.70
CA GLY A 79 -1.84 25.25 17.14
C GLY A 79 -3.11 24.80 17.85
N THR A 80 -3.92 23.94 17.23
CA THR A 80 -5.13 23.39 17.87
C THR A 80 -4.68 22.26 18.82
N HIS A 81 -5.59 21.81 19.71
CA HIS A 81 -5.31 20.76 20.68
C HIS A 81 -6.43 19.72 20.59
N LEU A 82 -6.71 19.25 19.39
CA LEU A 82 -7.86 18.38 19.22
C LEU A 82 -7.44 16.91 19.29
N VAL A 83 -8.41 16.06 19.64
CA VAL A 83 -8.20 14.63 19.89
C VAL A 83 -9.18 13.78 19.11
N ASP A 84 -8.71 12.61 18.69
CA ASP A 84 -9.49 11.63 17.98
C ASP A 84 -10.33 10.86 19.03
N ALA A 85 -11.65 11.05 19.00
CA ALA A 85 -12.58 10.41 19.92
C ALA A 85 -13.20 9.14 19.33
N GLY A 86 -12.94 8.85 18.05
CA GLY A 86 -13.50 7.63 17.46
C GLY A 86 -13.20 7.49 15.98
N ASP A 87 -12.78 6.29 15.56
CA ASP A 87 -12.40 5.97 14.19
C ASP A 87 -13.59 5.38 13.48
N ILE A 88 -14.05 6.07 12.41
CA ILE A 88 -15.35 5.72 11.82
C ILE A 88 -15.30 5.08 10.44
N HIS A 89 -14.58 5.68 9.49
CA HIS A 89 -14.67 5.14 8.14
C HIS A 89 -13.48 5.53 7.33
N TYR A 90 -13.31 4.89 6.15
CA TYR A 90 -12.20 5.20 5.29
C TYR A 90 -12.73 5.49 3.86
N GLU A 91 -12.10 6.44 3.17
CA GLU A 91 -12.47 6.82 1.81
C GLU A 91 -11.34 6.57 0.83
N PRO A 92 -11.44 5.61 -0.12
CA PRO A 92 -10.34 5.44 -1.09
C PRO A 92 -10.06 6.72 -1.89
N PHE A 93 -8.81 7.16 -1.87
CA PHE A 93 -8.31 8.33 -2.60
C PHE A 93 -8.10 7.91 -4.04
N GLY A 94 -8.41 8.77 -5.00
CA GLY A 94 -8.29 8.37 -6.39
C GLY A 94 -7.73 9.42 -7.33
N ILE A 95 -7.17 8.93 -8.46
CA ILE A 95 -6.72 9.73 -9.59
C ILE A 95 -7.89 9.67 -10.54
N TYR A 96 -8.42 10.82 -10.90
CA TYR A 96 -9.55 10.96 -11.79
C TYR A 96 -9.15 11.68 -13.07
N PRO A 97 -9.92 11.50 -14.15
CA PRO A 97 -9.56 12.19 -15.39
C PRO A 97 -9.72 13.70 -15.30
N GLY A 98 -8.79 14.42 -15.95
CA GLY A 98 -8.85 15.86 -16.15
C GLY A 98 -9.08 16.02 -17.63
N THR A 99 -8.17 16.72 -18.33
CA THR A 99 -8.27 16.83 -19.80
C THR A 99 -7.90 15.47 -20.48
N LYS A 100 -7.26 14.53 -19.74
CA LYS A 100 -6.90 13.19 -20.25
C LYS A 100 -7.80 12.17 -19.59
N LYS A 101 -8.34 11.21 -20.35
CA LYS A 101 -9.30 10.25 -19.80
C LYS A 101 -8.70 8.93 -19.39
N SER A 102 -7.42 8.72 -19.64
CA SER A 102 -6.73 7.47 -19.33
C SER A 102 -5.31 7.74 -18.84
N LEU A 103 -4.80 6.96 -17.87
CA LEU A 103 -3.40 7.08 -17.46
C LEU A 103 -2.44 6.63 -18.58
N ASP A 104 -2.94 5.83 -19.54
CA ASP A 104 -2.11 5.41 -20.69
C ASP A 104 -1.76 6.61 -21.59
N GLU A 105 -2.49 7.75 -21.39
CA GLU A 105 -2.31 8.95 -22.22
C GLU A 105 -1.29 9.93 -21.64
N ILE A 106 -0.76 9.63 -20.45
CA ILE A 106 0.20 10.50 -19.76
C ILE A 106 1.40 10.78 -20.68
N SER A 107 1.78 12.04 -20.74
CA SER A 107 2.91 12.48 -21.58
C SER A 107 3.65 13.62 -20.89
N GLU A 108 4.83 13.96 -21.41
CA GLU A 108 5.73 14.95 -20.85
C GLU A 108 5.03 16.28 -20.52
N GLY A 109 5.28 16.76 -19.30
CA GLY A 109 4.77 18.04 -18.82
C GLY A 109 3.34 18.08 -18.34
N ASP A 110 2.63 16.91 -18.28
CA ASP A 110 1.25 16.89 -17.83
C ASP A 110 1.10 17.48 -16.43
N LYS A 111 0.06 18.29 -16.26
CA LYS A 111 -0.25 18.86 -14.94
C LYS A 111 -1.13 17.90 -14.16
N ILE A 112 -0.83 17.72 -12.84
CA ILE A 112 -1.67 16.86 -12.02
C ILE A 112 -2.13 17.70 -10.83
N ALA A 113 -3.46 17.91 -10.69
CA ALA A 113 -4.01 18.68 -9.57
C ALA A 113 -4.09 17.80 -8.33
N VAL A 114 -3.61 18.35 -7.21
CA VAL A 114 -3.60 17.58 -5.97
C VAL A 114 -3.99 18.52 -4.81
N PRO A 115 -4.52 17.97 -3.68
CA PRO A 115 -4.75 18.81 -2.47
C PRO A 115 -3.43 19.43 -1.97
N ASN A 116 -3.49 20.64 -1.40
CA ASN A 116 -2.27 21.36 -1.02
C ASN A 116 -1.96 21.29 0.49
N ASP A 117 -2.77 20.58 1.27
CA ASP A 117 -2.45 20.45 2.71
C ASP A 117 -1.41 19.34 2.85
N THR A 118 -0.58 19.38 3.90
CA THR A 118 0.53 18.47 4.10
C THR A 118 0.23 17.00 3.84
N THR A 119 -0.78 16.44 4.57
CA THR A 119 -1.02 15.00 4.52
C THR A 119 -1.77 14.56 3.29
N ASN A 120 -2.69 15.39 2.76
CA ASN A 120 -3.40 14.98 1.54
C ASN A 120 -2.53 15.16 0.30
N GLU A 121 -1.61 16.15 0.31
CA GLU A 121 -0.65 16.29 -0.77
C GLU A 121 0.29 15.08 -0.77
N ALA A 122 0.83 14.74 0.44
CA ALA A 122 1.69 13.58 0.58
C ALA A 122 0.99 12.34 0.10
N ARG A 123 -0.28 12.19 0.48
CA ARG A 123 -1.13 11.05 0.06
C ARG A 123 -1.23 10.96 -1.47
N ALA A 124 -1.40 12.11 -2.16
CA ALA A 124 -1.48 12.18 -3.63
C ALA A 124 -0.15 11.73 -4.26
N LEU A 125 0.99 12.21 -3.71
CA LEU A 125 2.32 11.82 -4.20
C LEU A 125 2.58 10.32 -4.02
N LEU A 126 2.11 9.76 -2.91
CA LEU A 126 2.24 8.33 -2.61
C LEU A 126 1.37 7.51 -3.59
N LEU A 127 0.15 8.03 -3.95
CA LEU A 127 -0.75 7.36 -4.91
C LEU A 127 -0.13 7.40 -6.33
N LEU A 128 0.52 8.52 -6.71
CA LEU A 128 1.23 8.65 -7.99
C LEU A 128 2.41 7.65 -8.04
N GLN A 129 3.13 7.52 -6.89
CA GLN A 129 4.24 6.57 -6.79
C GLN A 129 3.73 5.13 -6.97
N ASP A 130 2.60 4.79 -6.28
CA ASP A 130 2.00 3.45 -6.35
CA ASP A 130 2.03 3.44 -6.36
C ASP A 130 1.56 3.12 -7.79
N ASN A 131 1.33 4.16 -8.62
CA ASN A 131 0.92 3.98 -10.01
C ASN A 131 2.07 4.21 -11.01
N GLY A 132 3.30 4.18 -10.52
CA GLY A 132 4.54 4.30 -11.29
C GLY A 132 4.77 5.60 -12.04
N ILE A 133 4.16 6.70 -11.60
CA ILE A 133 4.29 8.00 -12.27
C ILE A 133 5.52 8.73 -11.76
N ILE A 134 5.82 8.61 -10.47
CA ILE A 134 6.97 9.22 -9.80
C ILE A 134 7.55 8.25 -8.79
N THR A 135 8.73 8.57 -8.26
CA THR A 135 9.28 7.84 -7.12
C THR A 135 9.65 8.87 -6.06
N LEU A 136 9.50 8.51 -4.79
CA LEU A 136 9.83 9.41 -3.70
C LEU A 136 11.02 8.89 -2.93
N LYS A 137 11.77 9.80 -2.25
CA LYS A 137 12.90 9.44 -1.38
C LYS A 137 12.46 8.46 -0.30
N ASP A 138 13.33 7.49 0.06
CA ASP A 138 13.01 6.51 1.11
C ASP A 138 12.78 7.29 2.41
N GLY A 139 11.68 6.97 3.07
CA GLY A 139 11.32 7.63 4.33
C GLY A 139 10.54 8.94 4.21
N ALA A 140 10.14 9.33 2.98
CA ALA A 140 9.33 10.53 2.73
C ALA A 140 8.07 10.52 3.63
N GLY A 141 7.35 9.40 3.57
CA GLY A 141 6.21 9.13 4.45
C GLY A 141 4.97 9.98 4.29
N LEU A 142 4.25 10.13 5.41
CA LEU A 142 2.96 10.80 5.50
C LEU A 142 3.03 12.32 5.31
N ASN A 143 4.23 12.92 5.36
CA ASN A 143 4.41 14.36 5.16
C ASN A 143 5.30 14.63 3.92
N ALA A 144 5.36 13.65 2.98
CA ALA A 144 6.11 13.76 1.74
C ALA A 144 5.71 15.04 0.96
N THR A 145 6.69 15.78 0.45
CA THR A 145 6.47 17.00 -0.34
C THR A 145 7.02 16.79 -1.76
N VAL A 146 6.78 17.76 -2.66
CA VAL A 146 7.26 17.71 -4.04
C VAL A 146 8.83 17.67 -4.06
N ASN A 147 9.48 18.17 -2.99
CA ASN A 147 10.93 18.15 -2.84
C ASN A 147 11.44 16.72 -2.55
N ASP A 148 10.51 15.79 -2.20
CA ASP A 148 10.87 14.40 -1.97
C ASP A 148 10.83 13.58 -3.27
N ILE A 149 10.39 14.19 -4.39
CA ILE A 149 10.32 13.50 -5.68
C ILE A 149 11.74 13.24 -6.18
N GLU A 150 12.07 11.95 -6.36
CA GLU A 150 13.38 11.50 -6.87
CA GLU A 150 13.38 11.51 -6.86
C GLU A 150 13.30 11.34 -8.39
N GLU A 151 12.43 10.44 -8.84
CA GLU A 151 12.22 10.17 -10.27
C GLU A 151 10.90 10.78 -10.72
N ASN A 152 10.91 11.41 -11.90
CA ASN A 152 9.74 12.02 -12.50
C ASN A 152 9.90 11.82 -14.01
N PRO A 153 9.68 10.58 -14.53
CA PRO A 153 10.00 10.30 -15.95
C PRO A 153 9.19 11.12 -16.95
N TYR A 154 7.93 11.48 -16.63
CA TYR A 154 7.08 12.27 -17.53
C TYR A 154 7.18 13.77 -17.25
N ASN A 155 8.06 14.18 -16.30
CA ASN A 155 8.22 15.59 -15.90
C ASN A 155 6.88 16.24 -15.62
N VAL A 156 6.02 15.52 -14.86
CA VAL A 156 4.70 16.00 -14.49
C VAL A 156 4.85 17.24 -13.62
N GLU A 157 3.88 18.15 -13.73
CA GLU A 157 3.82 19.36 -12.92
C GLU A 157 2.73 19.16 -11.87
N ILE A 158 3.11 19.16 -10.60
CA ILE A 158 2.18 19.03 -9.49
C ILE A 158 1.57 20.40 -9.26
N VAL A 159 0.25 20.48 -9.43
CA VAL A 159 -0.50 21.73 -9.28
C VAL A 159 -1.23 21.62 -7.95
N GLU A 160 -0.75 22.34 -6.94
CA GLU A 160 -1.30 22.28 -5.58
C GLU A 160 -2.43 23.27 -5.37
N LEU A 161 -3.63 22.76 -4.98
CA LEU A 161 -4.79 23.61 -4.72
CA LEU A 161 -4.82 23.59 -4.73
C LEU A 161 -5.51 23.16 -3.45
N GLU A 162 -6.42 24.00 -2.94
CA GLU A 162 -7.21 23.63 -1.77
C GLU A 162 -8.00 22.37 -2.18
N ALA A 163 -8.05 21.35 -1.32
CA ALA A 163 -8.73 20.07 -1.63
C ALA A 163 -10.14 20.26 -2.25
N ALA A 164 -10.95 21.22 -1.75
CA ALA A 164 -12.29 21.50 -2.26
C ALA A 164 -12.31 22.00 -3.69
N GLN A 165 -11.20 22.57 -4.19
CA GLN A 165 -11.09 23.19 -5.51
C GLN A 165 -10.55 22.25 -6.56
N VAL A 166 -9.94 21.11 -6.14
CA VAL A 166 -9.31 20.19 -7.09
C VAL A 166 -10.32 19.66 -8.13
N ALA A 167 -11.57 19.35 -7.75
CA ALA A 167 -12.56 18.84 -8.73
C ALA A 167 -12.98 19.91 -9.76
N ARG A 168 -12.74 21.19 -9.46
CA ARG A 168 -13.09 22.31 -10.36
C ARG A 168 -12.00 22.65 -11.38
N VAL A 169 -10.85 21.91 -11.41
CA VAL A 169 -9.78 22.24 -12.37
C VAL A 169 -9.59 21.09 -13.40
N THR A 170 -10.64 20.30 -13.63
CA THR A 170 -10.63 19.17 -14.59
C THR A 170 -10.48 19.60 -16.07
N GLY A 171 -10.58 20.92 -16.35
CA GLY A 171 -10.37 21.45 -17.69
C GLY A 171 -9.06 22.19 -17.82
N GLU A 172 -8.24 22.20 -16.75
CA GLU A 172 -6.96 22.92 -16.63
C GLU A 172 -5.76 22.01 -16.40
N THR A 173 -6.00 20.77 -16.02
CA THR A 173 -4.94 19.81 -15.69
C THR A 173 -5.25 18.47 -16.34
N ALA A 174 -4.22 17.65 -16.62
CA ALA A 174 -4.42 16.36 -17.28
C ALA A 174 -5.19 15.38 -16.38
N TYR A 175 -4.88 15.38 -15.07
CA TYR A 175 -5.51 14.50 -14.11
C TYR A 175 -5.70 15.24 -12.82
N VAL A 176 -6.64 14.77 -12.02
CA VAL A 176 -6.91 15.38 -10.71
C VAL A 176 -6.92 14.28 -9.64
N VAL A 177 -6.41 14.60 -8.43
CA VAL A 177 -6.34 13.60 -7.35
C VAL A 177 -7.28 14.11 -6.28
N LEU A 178 -8.37 13.37 -6.04
CA LEU A 178 -9.46 13.80 -5.19
C LEU A 178 -9.70 12.99 -3.93
N ASN A 179 -10.01 13.71 -2.85
CA ASN A 179 -10.45 13.09 -1.61
C ASN A 179 -11.82 12.53 -1.88
N GLY A 180 -12.11 11.35 -1.35
CA GLY A 180 -13.42 10.72 -1.53
C GLY A 180 -14.63 11.64 -1.31
N ASN A 181 -14.64 12.38 -0.20
CA ASN A 181 -15.75 13.28 0.11
C ASN A 181 -15.97 14.33 -1.01
N TYR A 182 -14.86 14.90 -1.59
CA TYR A 182 -15.01 15.90 -2.64
C TYR A 182 -15.37 15.27 -3.98
N ALA A 183 -14.91 14.04 -4.24
CA ALA A 183 -15.26 13.30 -5.45
C ALA A 183 -16.78 13.04 -5.44
N LEU A 184 -17.31 12.56 -4.29
CA LEU A 184 -18.76 12.32 -4.11
C LEU A 184 -19.54 13.62 -4.27
N GLU A 185 -19.06 14.72 -3.64
CA GLU A 185 -19.71 16.04 -3.73
C GLU A 185 -19.78 16.53 -5.17
N ALA A 186 -18.75 16.24 -5.99
CA ALA A 186 -18.66 16.63 -7.40
C ALA A 186 -19.36 15.63 -8.33
N GLY A 187 -19.92 14.55 -7.78
CA GLY A 187 -20.68 13.57 -8.55
C GLY A 187 -19.88 12.43 -9.12
N TYR A 188 -18.63 12.26 -8.70
CA TYR A 188 -17.82 11.13 -9.15
C TYR A 188 -18.07 9.94 -8.25
N SER A 189 -17.85 8.75 -8.80
CA SER A 189 -17.87 7.48 -8.11
C SER A 189 -16.44 6.86 -8.23
N VAL A 190 -15.67 6.68 -7.10
CA VAL A 190 -14.32 6.09 -7.16
C VAL A 190 -14.35 4.78 -8.00
N ALA A 191 -15.37 3.90 -7.77
CA ALA A 191 -15.47 2.60 -8.44
C ALA A 191 -15.69 2.68 -9.94
N LYS A 192 -16.43 3.66 -10.42
CA LYS A 192 -16.73 3.75 -11.84
C LYS A 192 -15.83 4.73 -12.58
N ASP A 193 -15.43 5.81 -11.92
CA ASP A 193 -14.74 6.91 -12.59
C ASP A 193 -13.26 7.06 -12.35
N ALA A 194 -12.77 6.65 -11.18
CA ALA A 194 -11.34 6.80 -10.91
C ALA A 194 -10.52 5.93 -11.86
N LEU A 195 -9.38 6.48 -12.31
CA LEU A 195 -8.45 5.75 -13.18
C LEU A 195 -7.59 4.81 -12.32
N ALA A 196 -7.31 5.24 -11.09
CA ALA A 196 -6.54 4.46 -10.12
C ALA A 196 -6.95 4.93 -8.75
N TYR A 197 -6.98 4.01 -7.77
CA TYR A 197 -7.36 4.42 -6.41
C TYR A 197 -6.76 3.48 -5.37
N GLU A 198 -6.73 3.94 -4.09
CA GLU A 198 -6.15 3.14 -3.04
C GLU A 198 -7.03 1.92 -2.82
N LYS A 199 -6.41 0.77 -2.61
CA LYS A 199 -7.10 -0.49 -2.38
C LYS A 199 -7.57 -0.57 -0.93
N SER A 200 -8.66 -1.33 -0.69
CA SER A 200 -9.22 -1.46 0.65
C SER A 200 -8.29 -2.28 1.59
N ASP A 201 -7.28 -3.01 1.05
CA ASP A 201 -6.34 -3.78 1.87
C ASP A 201 -4.95 -3.11 1.90
N SER A 202 -4.90 -1.84 1.48
CA SER A 202 -3.67 -1.07 1.43
C SER A 202 -3.33 -0.46 2.79
N GLU A 203 -2.08 0.09 2.90
CA GLU A 203 -1.66 0.80 4.10
C GLU A 203 -2.53 2.06 4.29
N ALA A 204 -2.94 2.71 3.20
CA ALA A 204 -3.78 3.91 3.30
C ALA A 204 -5.11 3.59 3.97
N ALA A 205 -5.65 2.38 3.69
CA ALA A 205 -6.93 1.93 4.28
C ALA A 205 -6.93 1.87 5.81
N LYS A 206 -5.75 1.66 6.44
CA LYS A 206 -5.66 1.62 7.89
C LYS A 206 -5.02 2.90 8.46
N THR A 207 -4.62 3.83 7.59
CA THR A 207 -3.98 5.10 7.95
C THR A 207 -4.96 6.31 7.88
N TYR A 208 -5.67 6.48 6.76
CA TYR A 208 -6.52 7.65 6.57
C TYR A 208 -7.95 7.37 7.03
N VAL A 209 -8.09 6.98 8.31
CA VAL A 209 -9.41 6.70 8.86
C VAL A 209 -10.03 8.02 9.29
N ASN A 210 -11.30 8.26 8.90
CA ASN A 210 -12.02 9.49 9.30
C ASN A 210 -12.51 9.34 10.70
N ILE A 211 -12.44 10.45 11.44
CA ILE A 211 -12.70 10.43 12.88
C ILE A 211 -13.72 11.45 13.35
N ILE A 212 -14.06 11.30 14.62
CA ILE A 212 -14.81 12.26 15.44
C ILE A 212 -13.74 12.95 16.23
N ALA A 213 -13.53 14.25 15.98
CA ALA A 213 -12.53 14.98 16.73
C ALA A 213 -13.20 15.95 17.69
N VAL A 214 -12.60 16.11 18.85
CA VAL A 214 -13.10 17.00 19.91
C VAL A 214 -11.94 17.73 20.53
N LYS A 215 -12.23 18.71 21.40
CA LYS A 215 -11.20 19.39 22.16
C LYS A 215 -10.63 18.42 23.16
N GLU A 216 -9.33 18.54 23.47
CA GLU A 216 -8.71 17.69 24.48
C GLU A 216 -9.45 17.83 25.83
N GLY A 217 -9.74 16.70 26.45
CA GLY A 217 -10.46 16.66 27.72
C GLY A 217 -11.93 16.35 27.51
N ASN A 218 -12.40 16.27 26.23
CA ASN A 218 -13.81 15.96 25.91
C ASN A 218 -14.00 14.61 25.24
N GLU A 219 -12.91 13.87 24.97
CA GLU A 219 -12.98 12.63 24.19
C GLU A 219 -13.74 11.51 24.90
N LYS A 220 -13.91 11.59 26.24
CA LYS A 220 -14.68 10.56 26.98
C LYS A 220 -16.05 11.08 27.45
N GLU A 221 -16.50 12.29 27.01
CA GLU A 221 -17.83 12.79 27.37
C GLU A 221 -18.87 11.76 26.98
N GLU A 222 -19.87 11.57 27.84
CA GLU A 222 -20.95 10.61 27.59
C GLU A 222 -21.58 10.78 26.20
N LYS A 223 -21.92 12.03 25.83
CA LYS A 223 -22.56 12.34 24.54
C LYS A 223 -21.63 12.06 23.35
N ILE A 224 -20.32 12.29 23.50
CA ILE A 224 -19.33 12.01 22.45
C ILE A 224 -19.23 10.48 22.29
N GLN A 225 -19.15 9.75 23.40
CA GLN A 225 -19.09 8.30 23.36
C GLN A 225 -20.36 7.74 22.69
N ALA A 226 -21.53 8.35 22.97
CA ALA A 226 -22.81 7.96 22.37
C ALA A 226 -22.80 8.20 20.87
N LEU A 227 -22.26 9.38 20.44
CA LEU A 227 -22.14 9.70 19.03
C LEU A 227 -21.24 8.67 18.31
N VAL A 228 -20.05 8.39 18.89
CA VAL A 228 -19.08 7.44 18.30
C VAL A 228 -19.70 6.02 18.21
N LYS A 229 -20.37 5.57 19.28
CA LYS A 229 -21.02 4.26 19.29
C LYS A 229 -22.08 4.17 18.19
N ALA A 230 -22.89 5.25 17.98
CA ALA A 230 -23.92 5.28 16.93
C ALA A 230 -23.28 5.13 15.54
N LEU A 231 -22.18 5.88 15.26
CA LEU A 231 -21.49 5.88 14.00
C LEU A 231 -20.77 4.55 13.71
N LYS A 232 -20.46 3.77 14.74
CA LYS A 232 -19.80 2.47 14.61
C LYS A 232 -20.82 1.30 14.74
N SER A 233 -22.12 1.63 14.83
CA SER A 233 -23.18 0.60 14.99
C SER A 233 -23.43 -0.14 13.68
N ASP A 234 -24.09 -1.31 13.76
CA ASP A 234 -24.43 -2.09 12.57
C ASP A 234 -25.37 -1.29 11.64
N GLU A 235 -26.28 -0.46 12.19
CA GLU A 235 -27.20 0.36 11.37
CA GLU A 235 -27.20 0.39 11.40
C GLU A 235 -26.40 1.36 10.52
N ILE A 236 -25.42 2.05 11.11
CA ILE A 236 -24.63 3.03 10.33
C ILE A 236 -23.64 2.32 9.37
N LYS A 237 -22.97 1.27 9.82
CA LYS A 237 -22.07 0.50 8.94
C LYS A 237 -22.82 -0.04 7.71
N GLU A 238 -24.04 -0.58 7.92
CA GLU A 238 -24.84 -1.10 6.80
C GLU A 238 -25.29 0.05 5.87
N TYR A 239 -25.68 1.20 6.44
CA TYR A 239 -26.04 2.37 5.65
C TYR A 239 -24.86 2.79 4.76
N ILE A 240 -23.65 2.84 5.35
CA ILE A 240 -22.43 3.23 4.60
C ILE A 240 -22.20 2.25 3.41
N GLU A 241 -22.22 0.94 3.69
CA GLU A 241 -21.98 -0.13 2.72
C GLU A 241 -22.99 -0.13 1.58
N LYS A 242 -24.28 0.05 1.90
CA LYS A 242 -25.39 0.03 0.93
C LYS A 242 -25.50 1.31 0.11
N THR A 243 -24.96 2.43 0.59
CA THR A 243 -25.14 3.72 -0.06
C THR A 243 -23.98 4.17 -0.94
N TYR A 244 -22.74 3.91 -0.56
CA TYR A 244 -21.61 4.55 -1.24
C TYR A 244 -20.79 3.70 -2.23
N ASP A 245 -21.22 2.46 -2.56
CA ASP A 245 -20.58 1.59 -3.57
C ASP A 245 -19.02 1.55 -3.45
N GLY A 246 -18.53 1.35 -2.22
CA GLY A 246 -17.09 1.23 -1.97
C GLY A 246 -16.32 2.53 -1.91
N ALA A 247 -17.00 3.70 -2.09
CA ALA A 247 -16.32 5.00 -1.98
C ALA A 247 -16.13 5.34 -0.50
N VAL A 248 -16.92 4.72 0.38
CA VAL A 248 -16.88 4.96 1.85
C VAL A 248 -16.94 3.58 2.48
N ILE A 249 -15.96 3.26 3.34
CA ILE A 249 -15.83 1.92 3.94
C ILE A 249 -15.85 2.05 5.46
N PRO A 250 -16.75 1.34 6.18
CA PRO A 250 -16.74 1.44 7.66
C PRO A 250 -15.44 0.91 8.25
N PHE A 251 -14.96 1.55 9.32
CA PHE A 251 -13.69 1.14 9.91
C PHE A 251 -13.90 -0.07 10.80
N GLU A 252 -12.98 -1.05 10.75
CA GLU A 252 -13.09 -2.23 11.60
C GLU A 252 -11.68 -2.70 11.97
N ALA B 10 -2.70 -9.79 21.72
CA ALA B 10 -2.36 -11.21 21.82
C ALA B 10 -3.19 -12.08 20.84
N LYS B 11 -4.40 -11.62 20.46
CA LYS B 11 -5.31 -12.35 19.58
C LYS B 11 -5.24 -11.86 18.13
N THR B 12 -4.60 -10.71 17.87
CA THR B 12 -4.52 -10.18 16.50
C THR B 12 -3.11 -10.42 15.93
N ILE B 13 -3.07 -10.77 14.65
CA ILE B 13 -1.81 -10.97 13.94
C ILE B 13 -1.82 -10.03 12.74
N LYS B 14 -1.06 -8.93 12.81
CA LYS B 14 -0.99 -7.95 11.72
C LYS B 14 0.18 -8.29 10.81
N VAL B 15 -0.12 -8.63 9.54
CA VAL B 15 0.93 -9.06 8.58
C VAL B 15 0.96 -8.18 7.32
N ALA B 16 2.16 -7.64 7.01
CA ALA B 16 2.47 -6.84 5.82
C ALA B 16 2.88 -7.82 4.72
N ALA B 17 2.26 -7.77 3.54
CA ALA B 17 2.57 -8.78 2.52
C ALA B 17 2.51 -8.27 1.10
N SER B 18 3.13 -9.04 0.16
CA SER B 18 2.99 -8.76 -1.26
C SER B 18 1.58 -9.18 -1.69
N ALA B 19 1.10 -8.63 -2.81
CA ALA B 19 -0.27 -8.90 -3.27
C ALA B 19 -0.50 -10.36 -3.65
N THR B 20 0.41 -10.94 -4.45
CA THR B 20 0.28 -12.28 -4.98
C THR B 20 1.67 -12.90 -5.09
N PRO B 21 1.86 -14.13 -4.57
CA PRO B 21 0.84 -15.01 -3.95
C PRO B 21 0.57 -14.71 -2.46
N HIS B 22 1.45 -13.93 -1.80
CA HIS B 22 1.50 -13.83 -0.33
C HIS B 22 0.18 -13.48 0.33
N ALA B 23 -0.49 -12.39 -0.10
CA ALA B 23 -1.77 -11.99 0.51
C ALA B 23 -2.88 -13.02 0.23
N GLU B 24 -2.82 -13.70 -0.93
CA GLU B 24 -3.79 -14.73 -1.30
C GLU B 24 -3.61 -15.96 -0.42
N ILE B 25 -2.36 -16.36 -0.19
CA ILE B 25 -2.02 -17.48 0.70
C ILE B 25 -2.47 -17.13 2.14
N LEU B 26 -2.26 -15.87 2.60
CA LEU B 26 -2.68 -15.43 3.95
C LEU B 26 -4.20 -15.44 4.10
N GLU B 27 -4.94 -15.04 3.03
CA GLU B 27 -6.40 -15.05 3.03
C GLU B 27 -6.94 -16.46 3.31
N GLN B 28 -6.31 -17.49 2.72
CA GLN B 28 -6.68 -18.89 2.92
C GLN B 28 -6.38 -19.35 4.36
N ALA B 29 -5.29 -18.85 4.92
CA ALA B 29 -4.87 -19.16 6.29
C ALA B 29 -5.74 -18.47 7.36
N LYS B 30 -6.47 -17.40 6.99
CA LYS B 30 -7.33 -16.64 7.92
C LYS B 30 -8.33 -17.56 8.65
N SER B 31 -8.94 -18.53 7.94
CA SER B 31 -9.93 -19.44 8.55
C SER B 31 -9.28 -20.40 9.56
N ILE B 32 -8.03 -20.87 9.29
CA ILE B 32 -7.30 -21.75 10.21
C ILE B 32 -7.02 -21.00 11.50
N LEU B 33 -6.51 -19.75 11.36
CA LEU B 33 -6.17 -18.94 12.52
CA LEU B 33 -6.18 -18.89 12.49
C LEU B 33 -7.42 -18.56 13.32
N LYS B 34 -8.56 -18.25 12.64
CA LYS B 34 -9.82 -17.89 13.30
C LYS B 34 -10.29 -19.01 14.23
N LYS B 35 -10.26 -20.27 13.75
CA LYS B 35 -10.66 -21.46 14.53
C LYS B 35 -9.80 -21.63 15.79
N GLU B 36 -8.55 -21.10 15.76
CA GLU B 36 -7.58 -21.15 16.85
C GLU B 36 -7.65 -19.91 17.77
N GLY B 37 -8.57 -18.99 17.49
CA GLY B 37 -8.77 -17.79 18.29
C GLY B 37 -7.94 -16.58 17.87
N TYR B 38 -7.35 -16.62 16.66
CA TYR B 38 -6.54 -15.50 16.17
C TYR B 38 -7.25 -14.73 15.06
N GLN B 39 -7.07 -13.41 15.04
CA GLN B 39 -7.62 -12.54 14.00
C GLN B 39 -6.48 -12.07 13.11
N LEU B 40 -6.33 -12.72 11.94
CA LEU B 40 -5.30 -12.38 10.96
C LEU B 40 -5.75 -11.14 10.15
N GLU B 41 -4.94 -10.06 10.20
CA GLU B 41 -5.23 -8.80 9.46
C GLU B 41 -4.10 -8.54 8.51
N VAL B 42 -4.39 -8.58 7.20
CA VAL B 42 -3.39 -8.47 6.14
C VAL B 42 -3.42 -7.08 5.49
N THR B 43 -2.24 -6.46 5.35
CA THR B 43 -2.08 -5.21 4.62
C THR B 43 -1.17 -5.51 3.44
N VAL B 44 -1.61 -5.15 2.22
CA VAL B 44 -0.85 -5.42 1.01
C VAL B 44 0.05 -4.22 0.68
N PHE B 45 1.34 -4.50 0.44
CA PHE B 45 2.35 -3.51 0.01
C PHE B 45 2.80 -3.84 -1.42
N ASP B 46 3.13 -2.83 -2.20
CA ASP B 46 3.53 -3.08 -3.59
C ASP B 46 5.04 -2.87 -3.81
N ASP B 47 5.80 -2.76 -2.71
CA ASP B 47 7.25 -2.58 -2.80
C ASP B 47 7.97 -3.59 -1.88
N TYR B 48 9.30 -3.59 -1.89
CA TYR B 48 10.12 -4.49 -1.07
C TYR B 48 10.75 -3.81 0.16
N VAL B 49 10.51 -2.50 0.34
CA VAL B 49 11.16 -1.76 1.43
C VAL B 49 10.24 -1.56 2.65
N GLN B 50 9.03 -1.05 2.41
CA GLN B 50 8.07 -0.75 3.46
CA GLN B 50 8.08 -0.75 3.48
C GLN B 50 7.71 -1.97 4.33
N PRO B 51 7.50 -3.20 3.78
CA PRO B 51 7.12 -4.34 4.66
C PRO B 51 8.10 -4.60 5.82
N ASN B 52 9.42 -4.43 5.62
CA ASN B 52 10.36 -4.58 6.74
C ASN B 52 10.33 -3.34 7.66
N GLU B 53 10.19 -2.12 7.10
CA GLU B 53 10.16 -0.92 7.93
C GLU B 53 8.96 -0.92 8.90
N VAL B 54 7.80 -1.41 8.43
CA VAL B 54 6.58 -1.42 9.25
C VAL B 54 6.60 -2.55 10.33
N VAL B 55 7.52 -3.53 10.22
CA VAL B 55 7.68 -4.59 11.24
C VAL B 55 8.71 -4.07 12.23
N GLU B 56 9.78 -3.40 11.74
CA GLU B 56 10.81 -2.79 12.60
C GLU B 56 10.20 -1.76 13.60
N SER B 57 9.24 -0.97 13.11
CA SER B 57 8.58 0.04 13.91
C SER B 57 7.63 -0.56 14.95
N GLY B 58 7.25 -1.82 14.76
CA GLY B 58 6.30 -2.51 15.64
C GLY B 58 4.86 -2.29 15.21
N GLU B 59 4.61 -1.62 14.04
CA GLU B 59 3.25 -1.42 13.56
C GLU B 59 2.60 -2.76 13.21
N PHE B 60 3.38 -3.65 12.59
CA PHE B 60 2.98 -5.00 12.20
C PHE B 60 3.72 -6.03 13.01
N ASP B 61 3.06 -7.15 13.27
CA ASP B 61 3.69 -8.26 13.99
C ASP B 61 4.71 -8.97 13.13
N ALA B 62 4.39 -9.11 11.82
CA ALA B 62 5.22 -9.87 10.91
C ALA B 62 5.04 -9.40 9.48
N ASN B 63 5.88 -9.89 8.58
CA ASN B 63 5.69 -9.63 7.15
C ASN B 63 5.90 -10.94 6.40
N TYR B 64 5.37 -11.03 5.19
CA TYR B 64 5.44 -12.22 4.35
C TYR B 64 5.62 -11.73 2.94
N PHE B 65 6.89 -11.57 2.52
CA PHE B 65 7.19 -11.02 1.18
C PHE B 65 8.62 -11.30 0.69
N GLN B 66 9.57 -11.65 1.57
CA GLN B 66 10.98 -11.72 1.20
C GLN B 66 11.67 -13.06 1.43
N HIS B 67 12.85 -13.23 0.82
CA HIS B 67 13.70 -14.41 1.04
C HIS B 67 14.79 -14.03 2.05
N VAL B 68 15.51 -14.99 2.66
CA VAL B 68 16.55 -14.73 3.68
C VAL B 68 17.68 -13.84 3.11
N PRO B 69 18.25 -14.04 1.90
CA PRO B 69 19.29 -13.11 1.45
C PRO B 69 18.79 -11.64 1.46
N TYR B 70 17.52 -11.38 1.01
CA TYR B 70 16.99 -10.02 1.03
C TYR B 70 16.90 -9.49 2.46
N LEU B 71 16.37 -10.30 3.39
CA LEU B 71 16.29 -9.92 4.81
C LEU B 71 17.67 -9.49 5.37
N GLU B 72 18.71 -10.27 5.10
CA GLU B 72 20.06 -10.00 5.61
C GLU B 72 20.59 -8.72 5.03
N SER B 73 20.37 -8.50 3.72
CA SER B 73 20.80 -7.28 3.02
CA SER B 73 20.80 -7.29 3.04
C SER B 73 20.01 -6.08 3.56
N PHE B 74 18.71 -6.25 3.93
CA PHE B 74 17.93 -5.15 4.52
CA PHE B 74 17.92 -5.13 4.52
C PHE B 74 18.48 -4.79 5.91
N ASN B 75 18.73 -5.82 6.76
CA ASN B 75 19.28 -5.62 8.12
C ASN B 75 20.63 -4.92 8.04
N GLU B 76 21.46 -5.33 7.08
CA GLU B 76 22.77 -4.74 6.82
C GLU B 76 22.63 -3.25 6.46
N GLU B 77 21.79 -2.93 5.46
CA GLU B 77 21.60 -1.57 4.96
C GLU B 77 20.85 -0.63 5.93
N LYS B 78 19.87 -1.14 6.70
CA LYS B 78 19.08 -0.28 7.60
C LYS B 78 19.49 -0.29 9.06
N GLY B 79 20.38 -1.19 9.47
CA GLY B 79 20.81 -1.27 10.86
C GLY B 79 19.79 -2.01 11.72
N THR B 80 18.91 -2.78 11.06
CA THR B 80 17.84 -3.55 11.71
C THR B 80 18.29 -5.00 11.95
N HIS B 81 17.47 -5.73 12.71
CA HIS B 81 17.80 -7.09 13.12
C HIS B 81 16.58 -8.02 13.09
N LEU B 82 15.77 -7.92 12.03
CA LEU B 82 14.63 -8.81 11.81
C LEU B 82 15.11 -10.24 11.59
N VAL B 83 14.26 -11.20 11.92
CA VAL B 83 14.58 -12.62 11.90
C VAL B 83 13.57 -13.44 11.13
N ASP B 84 14.06 -14.55 10.56
CA ASP B 84 13.25 -15.52 9.86
C ASP B 84 12.54 -16.41 10.90
N ALA B 85 11.22 -16.29 10.97
CA ALA B 85 10.41 -17.08 11.92
C ALA B 85 9.80 -18.32 11.27
N GLY B 86 9.95 -18.47 9.94
CA GLY B 86 9.42 -19.64 9.25
C GLY B 86 9.58 -19.59 7.76
N ASP B 87 10.02 -20.71 7.15
CA ASP B 87 10.27 -20.85 5.70
C ASP B 87 9.04 -21.44 5.07
N ILE B 88 8.43 -20.69 4.13
CA ILE B 88 7.11 -21.05 3.63
C ILE B 88 7.04 -21.53 2.18
N HIS B 89 7.51 -20.73 1.24
CA HIS B 89 7.35 -21.09 -0.15
C HIS B 89 8.49 -20.56 -0.97
N TYR B 90 8.57 -21.03 -2.20
CA TYR B 90 9.61 -20.61 -3.12
C TYR B 90 8.99 -20.19 -4.47
N GLU B 91 9.58 -19.17 -5.13
CA GLU B 91 9.11 -18.70 -6.44
C GLU B 91 10.19 -18.76 -7.47
N PRO B 92 10.10 -19.65 -8.50
CA PRO B 92 11.17 -19.67 -9.53
C PRO B 92 11.32 -18.30 -10.21
N PHE B 93 12.55 -17.79 -10.22
CA PHE B 93 12.94 -16.54 -10.87
C PHE B 93 13.07 -16.84 -12.36
N GLY B 94 12.66 -15.90 -13.21
CA GLY B 94 12.68 -16.15 -14.63
C GLY B 94 13.12 -15.01 -15.50
N ILE B 95 13.63 -15.37 -16.70
CA ILE B 95 13.96 -14.45 -17.80
C ILE B 95 12.73 -14.50 -18.67
N TYR B 96 12.12 -13.36 -18.90
CA TYR B 96 10.90 -13.22 -19.68
C TYR B 96 11.14 -12.38 -20.92
N PRO B 97 10.33 -12.54 -21.97
CA PRO B 97 10.54 -11.72 -23.17
C PRO B 97 10.28 -10.24 -22.93
N GLY B 98 11.08 -9.42 -23.60
CA GLY B 98 10.90 -7.98 -23.66
C GLY B 98 10.57 -7.69 -25.12
N THR B 99 11.38 -6.87 -25.79
CA THR B 99 11.19 -6.61 -27.23
C THR B 99 11.63 -7.85 -28.07
N LYS B 100 12.34 -8.82 -27.46
CA LYS B 100 12.76 -10.07 -28.13
C LYS B 100 11.96 -11.19 -27.50
N LYS B 101 11.38 -12.09 -28.34
CA LYS B 101 10.50 -13.16 -27.88
CA LYS B 101 10.51 -13.16 -27.87
C LYS B 101 11.25 -14.46 -27.53
N SER B 102 12.55 -14.57 -27.89
CA SER B 102 13.32 -15.78 -27.60
CA SER B 102 13.33 -15.79 -27.64
C SER B 102 14.78 -15.45 -27.34
N LEU B 103 15.43 -16.29 -26.52
CA LEU B 103 16.83 -16.11 -26.20
C LEU B 103 17.72 -16.37 -27.45
N ASP B 104 17.17 -17.07 -28.47
CA ASP B 104 17.93 -17.36 -29.69
C ASP B 104 18.14 -16.08 -30.52
N GLU B 105 17.39 -15.00 -30.16
CA GLU B 105 17.44 -13.73 -30.87
CA GLU B 105 17.44 -13.73 -30.87
C GLU B 105 18.45 -12.77 -30.24
N ILE B 106 19.08 -13.14 -29.12
CA ILE B 106 20.04 -12.29 -28.41
C ILE B 106 21.15 -11.83 -29.37
N SER B 107 21.44 -10.54 -29.33
CA SER B 107 22.47 -9.94 -30.20
C SER B 107 23.15 -8.81 -29.44
N GLU B 108 24.26 -8.31 -30.02
CA GLU B 108 25.13 -7.27 -29.45
C GLU B 108 24.33 -6.04 -28.94
N GLY B 109 24.63 -5.65 -27.70
CA GLY B 109 24.06 -4.47 -27.07
C GLY B 109 22.67 -4.59 -26.49
N ASP B 110 22.07 -5.81 -26.49
CA ASP B 110 20.73 -6.00 -25.93
C ASP B 110 20.64 -5.57 -24.49
N LYS B 111 19.55 -4.89 -24.14
CA LYS B 111 19.32 -4.44 -22.76
C LYS B 111 18.58 -5.53 -22.00
N ILE B 112 18.98 -5.80 -20.75
CA ILE B 112 18.28 -6.79 -19.93
C ILE B 112 17.85 -6.09 -18.64
N ALA B 113 16.53 -6.01 -18.39
CA ALA B 113 16.01 -5.39 -17.15
C ALA B 113 16.11 -6.36 -15.99
N VAL B 114 16.62 -5.89 -14.85
CA VAL B 114 16.81 -6.73 -13.68
C VAL B 114 16.43 -5.94 -12.41
N PRO B 115 16.03 -6.61 -11.31
CA PRO B 115 15.83 -5.89 -10.01
C PRO B 115 17.15 -5.24 -9.56
N ASN B 116 17.06 -4.09 -8.87
CA ASN B 116 18.26 -3.31 -8.52
C ASN B 116 18.70 -3.49 -7.07
N ASP B 117 17.99 -4.31 -6.27
CA ASP B 117 18.43 -4.54 -4.89
C ASP B 117 19.54 -5.59 -4.94
N THR B 118 20.48 -5.54 -3.99
CA THR B 118 21.67 -6.38 -3.94
C THR B 118 21.43 -7.85 -4.32
N THR B 119 20.54 -8.55 -3.58
CA THR B 119 20.38 -9.98 -3.71
C THR B 119 19.54 -10.39 -4.90
N ASN B 120 18.53 -9.59 -5.28
CA ASN B 120 17.74 -9.96 -6.46
C ASN B 120 18.49 -9.60 -7.76
N GLU B 121 19.34 -8.57 -7.73
CA GLU B 121 20.22 -8.27 -8.87
C GLU B 121 21.22 -9.41 -9.03
N ALA B 122 21.88 -9.81 -7.91
CA ALA B 122 22.84 -10.90 -7.93
C ALA B 122 22.19 -12.17 -8.47
N ARG B 123 20.94 -12.44 -8.00
CA ARG B 123 20.14 -13.59 -8.44
C ARG B 123 19.93 -13.58 -9.98
N ALA B 124 19.63 -12.38 -10.54
CA ALA B 124 19.43 -12.17 -11.99
C ALA B 124 20.74 -12.46 -12.76
N LEU B 125 21.88 -11.97 -12.25
CA LEU B 125 23.19 -12.20 -12.88
C LEU B 125 23.57 -13.67 -12.87
N LEU B 126 23.23 -14.38 -11.78
CA LEU B 126 23.48 -15.81 -11.63
C LEU B 126 22.59 -16.61 -12.60
N LEU B 127 21.32 -16.15 -12.82
CA LEU B 127 20.39 -16.78 -13.77
C LEU B 127 20.87 -16.58 -15.22
N LEU B 128 21.41 -15.38 -15.54
CA LEU B 128 22.00 -15.09 -16.85
C LEU B 128 23.24 -15.98 -17.09
N GLN B 129 24.07 -16.15 -16.05
CA GLN B 129 25.25 -17.01 -16.11
C GLN B 129 24.84 -18.46 -16.37
N ASP B 130 23.81 -18.94 -15.64
CA ASP B 130 23.26 -20.30 -15.79
C ASP B 130 22.74 -20.55 -17.21
N ASN B 131 22.39 -19.47 -17.92
CA ASN B 131 21.86 -19.56 -19.28
C ASN B 131 22.90 -19.14 -20.34
N GLY B 132 24.18 -19.12 -19.96
CA GLY B 132 25.31 -18.82 -20.82
C GLY B 132 25.38 -17.45 -21.47
N ILE B 133 24.74 -16.44 -20.87
CA ILE B 133 24.72 -15.09 -21.42
C ILE B 133 25.94 -14.30 -20.95
N ILE B 134 26.37 -14.53 -19.71
CA ILE B 134 27.51 -13.88 -19.07
C ILE B 134 28.23 -14.90 -18.21
N THR B 135 29.42 -14.56 -17.73
CA THR B 135 30.13 -15.38 -16.75
C THR B 135 30.60 -14.40 -15.70
N LEU B 136 30.52 -14.80 -14.43
CA LEU B 136 30.90 -13.97 -13.29
C LEU B 136 32.19 -14.45 -12.71
N LYS B 137 32.93 -13.55 -12.01
CA LYS B 137 34.19 -13.86 -11.32
C LYS B 137 34.00 -15.02 -10.34
N ASP B 138 35.00 -15.89 -10.20
CA ASP B 138 34.93 -17.01 -9.24
C ASP B 138 34.75 -16.41 -7.84
N GLY B 139 33.79 -16.93 -7.08
CA GLY B 139 33.51 -16.42 -5.75
C GLY B 139 32.48 -15.30 -5.65
N ALA B 140 31.82 -14.94 -6.80
N ALA B 140 31.99 -14.82 -6.82
CA ALA B 140 30.79 -13.90 -6.94
CA ALA B 140 30.92 -13.83 -6.83
C ALA B 140 29.69 -13.98 -5.85
C ALA B 140 29.66 -14.62 -6.51
N GLY B 141 29.00 -15.11 -5.75
N GLY B 141 29.12 -14.39 -5.33
CA GLY B 141 27.98 -15.37 -4.74
CA GLY B 141 27.99 -15.16 -4.83
C GLY B 141 26.66 -14.62 -4.82
C GLY B 141 26.66 -14.46 -4.82
N LEU B 142 25.98 -14.54 -3.66
CA LEU B 142 24.66 -13.97 -3.44
C LEU B 142 24.61 -12.43 -3.48
N ASN B 143 25.78 -11.76 -3.45
CA ASN B 143 25.84 -10.30 -3.53
C ASN B 143 26.63 -9.86 -4.78
N ALA B 144 26.70 -10.75 -5.81
CA ALA B 144 27.34 -10.47 -7.10
C ALA B 144 26.78 -9.19 -7.74
N THR B 145 27.66 -8.31 -8.25
CA THR B 145 27.27 -7.04 -8.90
C THR B 145 27.70 -7.08 -10.36
N VAL B 146 27.31 -6.05 -11.15
CA VAL B 146 27.67 -5.93 -12.57
C VAL B 146 29.21 -5.83 -12.72
N ASN B 147 29.91 -5.38 -11.67
CA ASN B 147 31.37 -5.28 -11.64
C ASN B 147 32.01 -6.68 -11.55
N ASP B 148 31.20 -7.72 -11.23
CA ASP B 148 31.68 -9.10 -11.16
C ASP B 148 31.57 -9.79 -12.52
N ILE B 149 31.00 -9.12 -13.53
CA ILE B 149 30.86 -9.69 -14.87
C ILE B 149 32.26 -9.76 -15.51
N GLU B 150 32.71 -10.98 -15.83
CA GLU B 150 34.01 -11.13 -16.46
C GLU B 150 33.81 -11.32 -17.96
N GLU B 151 32.95 -12.28 -18.39
CA GLU B 151 32.64 -12.49 -19.81
C GLU B 151 31.25 -11.95 -20.12
N ASN B 152 31.13 -11.22 -21.22
CA ASN B 152 29.88 -10.65 -21.70
C ASN B 152 29.96 -10.69 -23.22
N PRO B 153 29.80 -11.89 -23.84
CA PRO B 153 30.01 -12.03 -25.29
C PRO B 153 29.09 -11.18 -26.17
N TYR B 154 27.85 -10.94 -25.72
CA TYR B 154 26.88 -10.14 -26.49
C TYR B 154 26.88 -8.68 -26.06
N ASN B 155 27.80 -8.28 -25.15
CA ASN B 155 27.90 -6.91 -24.62
C ASN B 155 26.52 -6.39 -24.19
N VAL B 156 25.79 -7.24 -23.45
CA VAL B 156 24.47 -6.90 -22.94
C VAL B 156 24.59 -5.74 -21.96
N GLU B 157 23.55 -4.91 -21.91
CA GLU B 157 23.47 -3.78 -20.99
C GLU B 157 22.49 -4.16 -19.90
N ILE B 158 22.99 -4.25 -18.66
CA ILE B 158 22.14 -4.56 -17.50
C ILE B 158 21.46 -3.26 -17.10
N VAL B 159 20.13 -3.28 -17.16
CA VAL B 159 19.31 -2.10 -16.83
C VAL B 159 18.69 -2.39 -15.47
N GLU B 160 19.20 -1.71 -14.43
CA GLU B 160 18.77 -1.93 -13.05
C GLU B 160 17.60 -1.05 -12.66
N LEU B 161 16.49 -1.67 -12.23
CA LEU B 161 15.30 -0.94 -11.81
C LEU B 161 14.73 -1.54 -10.52
N GLU B 162 13.81 -0.82 -9.86
CA GLU B 162 13.15 -1.35 -8.67
C GLU B 162 12.41 -2.62 -9.10
N ALA B 163 12.50 -3.72 -8.35
CA ALA B 163 11.85 -5.00 -8.73
C ALA B 163 10.38 -4.83 -9.20
N ALA B 164 9.58 -3.98 -8.51
CA ALA B 164 8.17 -3.70 -8.86
C ALA B 164 8.04 -3.07 -10.26
N GLN B 165 9.09 -2.37 -10.74
CA GLN B 165 9.11 -1.66 -12.03
C GLN B 165 9.49 -2.51 -13.24
N VAL B 166 10.23 -3.61 -13.03
CA VAL B 166 10.83 -4.42 -14.10
C VAL B 166 9.79 -4.92 -15.13
N ALA B 167 8.60 -5.36 -14.67
CA ALA B 167 7.59 -5.89 -15.60
C ALA B 167 7.02 -4.83 -16.54
N ARG B 168 7.15 -3.55 -16.20
CA ARG B 168 6.63 -2.42 -16.99
C ARG B 168 7.58 -1.96 -18.10
N VAL B 169 8.79 -2.58 -18.25
CA VAL B 169 9.75 -2.12 -19.26
C VAL B 169 9.95 -3.16 -20.38
N THR B 170 8.94 -4.03 -20.59
CA THR B 170 8.94 -5.06 -21.64
C THR B 170 8.95 -4.48 -23.09
N GLY B 171 8.71 -3.18 -23.25
CA GLY B 171 8.79 -2.54 -24.56
C GLY B 171 10.04 -1.68 -24.71
N GLU B 172 10.94 -1.68 -23.71
CA GLU B 172 12.15 -0.86 -23.64
C GLU B 172 13.44 -1.65 -23.56
N THR B 173 13.35 -2.93 -23.22
CA THR B 173 14.52 -3.80 -23.07
C THR B 173 14.27 -5.10 -23.80
N ALA B 174 15.33 -5.79 -24.24
CA ALA B 174 15.20 -7.03 -25.01
C ALA B 174 14.57 -8.14 -24.16
N TYR B 175 14.97 -8.23 -22.89
CA TYR B 175 14.49 -9.25 -21.95
C TYR B 175 14.34 -8.64 -20.58
N VAL B 176 13.48 -9.23 -19.75
CA VAL B 176 13.28 -8.76 -18.37
C VAL B 176 13.43 -9.94 -17.40
N VAL B 177 14.02 -9.70 -16.20
CA VAL B 177 14.22 -10.76 -15.22
C VAL B 177 13.35 -10.40 -14.04
N LEU B 178 12.32 -11.23 -13.79
CA LEU B 178 11.27 -10.95 -12.83
C LEU B 178 11.19 -11.87 -11.63
N ASN B 179 10.89 -11.25 -10.46
CA ASN B 179 10.57 -12.01 -9.26
C ASN B 179 9.21 -12.63 -9.48
N GLY B 180 9.02 -13.87 -9.07
CA GLY B 180 7.72 -14.54 -9.23
C GLY B 180 6.50 -13.73 -8.82
N ASN B 181 6.54 -13.10 -7.64
CA ASN B 181 5.40 -12.33 -7.14
C ASN B 181 5.04 -11.19 -8.09
N TYR B 182 6.06 -10.49 -8.68
CA TYR B 182 5.78 -9.39 -9.61
C TYR B 182 5.37 -9.90 -10.99
N ALA B 183 5.88 -11.07 -11.43
CA ALA B 183 5.46 -11.70 -12.70
C ALA B 183 3.95 -12.02 -12.57
N LEU B 184 3.53 -12.67 -11.45
CA LEU B 184 2.11 -13.01 -11.19
C LEU B 184 1.24 -11.76 -11.12
N GLU B 185 1.73 -10.72 -10.41
CA GLU B 185 1.00 -9.44 -10.29
C GLU B 185 0.78 -8.79 -11.66
N ALA B 186 1.75 -8.93 -12.59
CA ALA B 186 1.70 -8.37 -13.93
C ALA B 186 1.02 -9.31 -14.93
N GLY B 187 0.51 -10.46 -14.46
CA GLY B 187 -0.20 -11.44 -15.29
C GLY B 187 0.65 -12.40 -16.07
N TYR B 188 1.95 -12.50 -15.70
CA TYR B 188 2.93 -13.41 -16.27
C TYR B 188 3.02 -14.64 -15.38
N SER B 189 3.35 -15.80 -15.97
CA SER B 189 3.51 -17.05 -15.23
C SER B 189 4.75 -17.69 -15.75
N VAL B 190 5.55 -18.13 -14.84
CA VAL B 190 6.84 -18.70 -15.15
C VAL B 190 6.73 -19.89 -16.13
N ALA B 191 5.76 -20.80 -15.94
CA ALA B 191 5.60 -22.00 -16.77
C ALA B 191 5.20 -21.69 -18.20
N LYS B 192 4.36 -20.64 -18.40
CA LYS B 192 3.86 -20.30 -19.71
C LYS B 192 4.65 -19.21 -20.43
N ASP B 193 5.17 -18.22 -19.70
CA ASP B 193 5.82 -17.08 -20.34
C ASP B 193 7.34 -17.05 -20.29
N ALA B 194 7.97 -17.61 -19.22
CA ALA B 194 9.42 -17.49 -19.07
C ALA B 194 10.19 -18.21 -20.16
N LEU B 195 11.29 -17.60 -20.62
CA LEU B 195 12.21 -18.18 -21.61
C LEU B 195 13.17 -19.15 -20.92
N ALA B 196 13.52 -18.82 -19.68
CA ALA B 196 14.40 -19.62 -18.84
C ALA B 196 14.07 -19.30 -17.40
N TYR B 197 14.15 -20.30 -16.50
CA TYR B 197 13.86 -20.05 -15.09
C TYR B 197 14.58 -21.04 -14.19
N GLU B 198 14.69 -20.68 -12.89
CA GLU B 198 15.34 -21.54 -11.91
C GLU B 198 14.53 -22.81 -11.76
N LYS B 199 15.24 -23.94 -11.62
CA LYS B 199 14.61 -25.25 -11.47
C LYS B 199 14.11 -25.46 -10.07
N SER B 200 13.00 -26.21 -9.95
CA SER B 200 12.35 -26.50 -8.69
C SER B 200 13.21 -27.36 -7.74
N ASP B 201 14.26 -28.03 -8.25
CA ASP B 201 15.12 -28.89 -7.43
C ASP B 201 16.52 -28.30 -7.27
N SER B 202 16.70 -27.03 -7.66
CA SER B 202 18.02 -26.41 -7.57
C SER B 202 18.29 -25.80 -6.20
N GLU B 203 19.55 -25.38 -5.98
CA GLU B 203 19.95 -24.67 -4.75
C GLU B 203 19.11 -23.38 -4.59
N ALA B 204 18.71 -22.74 -5.71
CA ALA B 204 17.87 -21.51 -5.69
C ALA B 204 16.57 -21.70 -4.89
N ALA B 205 15.94 -22.91 -4.98
CA ALA B 205 14.73 -23.30 -4.25
C ALA B 205 14.93 -23.25 -2.73
N LYS B 206 16.17 -23.49 -2.25
CA LYS B 206 16.50 -23.39 -0.85
C LYS B 206 16.88 -21.98 -0.49
N THR B 207 17.85 -21.44 -1.23
CA THR B 207 18.40 -20.10 -1.00
C THR B 207 17.30 -19.02 -0.98
N TYR B 208 16.35 -19.05 -1.92
CA TYR B 208 15.38 -17.98 -2.03
C TYR B 208 13.96 -18.32 -1.53
N VAL B 209 13.87 -19.19 -0.53
CA VAL B 209 12.58 -19.51 0.08
C VAL B 209 12.04 -18.26 0.79
N ASN B 210 10.73 -17.98 0.62
CA ASN B 210 10.07 -16.83 1.20
C ASN B 210 9.68 -17.15 2.62
N ILE B 211 9.80 -16.14 3.49
CA ILE B 211 9.68 -16.35 4.94
C ILE B 211 8.63 -15.45 5.62
N ILE B 212 8.41 -15.75 6.89
CA ILE B 212 7.69 -14.93 7.85
C ILE B 212 8.80 -14.25 8.62
N ALA B 213 8.90 -12.92 8.52
CA ALA B 213 9.92 -12.21 9.29
C ALA B 213 9.29 -11.40 10.40
N VAL B 214 9.98 -11.37 11.52
CA VAL B 214 9.54 -10.63 12.73
C VAL B 214 10.74 -9.94 13.34
N LYS B 215 10.49 -9.10 14.36
CA LYS B 215 11.58 -8.48 15.12
C LYS B 215 12.28 -9.56 15.94
N GLU B 216 13.60 -9.45 16.13
CA GLU B 216 14.33 -10.44 16.93
C GLU B 216 13.75 -10.48 18.35
N GLY B 217 13.52 -11.69 18.84
CA GLY B 217 12.92 -11.90 20.15
C GLY B 217 11.44 -12.23 20.07
N ASN B 218 10.84 -12.16 18.85
CA ASN B 218 9.41 -12.45 18.63
C ASN B 218 9.16 -13.74 17.84
N GLU B 219 10.23 -14.43 17.38
CA GLU B 219 10.13 -15.65 16.56
C GLU B 219 9.37 -16.80 17.24
N LYS B 220 9.36 -16.87 18.61
CA LYS B 220 8.64 -17.93 19.32
C LYS B 220 7.32 -17.45 19.96
N GLU B 221 6.83 -16.22 19.63
CA GLU B 221 5.52 -15.76 20.12
C GLU B 221 4.48 -16.78 19.71
N GLU B 222 3.53 -17.11 20.61
CA GLU B 222 2.48 -18.09 20.35
CA GLU B 222 2.51 -18.12 20.32
C GLU B 222 1.76 -17.82 19.01
N LYS B 223 1.35 -16.56 18.79
CA LYS B 223 0.62 -16.19 17.58
C LYS B 223 1.48 -16.30 16.31
N ILE B 224 2.79 -16.03 16.40
CA ILE B 224 3.72 -16.18 15.27
C ILE B 224 3.88 -17.67 14.96
N GLN B 225 4.05 -18.50 16.00
CA GLN B 225 4.16 -19.94 15.80
C GLN B 225 2.88 -20.47 15.14
N ALA B 226 1.70 -19.96 15.56
CA ALA B 226 0.40 -20.35 15.01
C ALA B 226 0.30 -19.96 13.54
N LEU B 227 0.75 -18.73 13.19
CA LEU B 227 0.78 -18.25 11.80
C LEU B 227 1.68 -19.15 10.94
N VAL B 228 2.91 -19.42 11.41
CA VAL B 228 3.88 -20.23 10.66
C VAL B 228 3.34 -21.66 10.47
N LYS B 229 2.79 -22.26 11.54
CA LYS B 229 2.21 -23.62 11.45
C LYS B 229 1.09 -23.67 10.42
N ALA B 230 0.20 -22.64 10.38
CA ALA B 230 -0.89 -22.59 9.40
C ALA B 230 -0.36 -22.55 7.96
N LEU B 231 0.66 -21.71 7.71
CA LEU B 231 1.26 -21.53 6.39
C LEU B 231 2.05 -22.75 5.92
N LYS B 232 2.50 -23.60 6.84
CA LYS B 232 3.24 -24.82 6.54
C LYS B 232 2.33 -26.07 6.60
N SER B 233 1.01 -25.86 6.82
CA SER B 233 0.05 -26.98 6.93
C SER B 233 -0.23 -27.61 5.56
N ASP B 234 -0.76 -28.84 5.55
CA ASP B 234 -1.12 -29.53 4.31
C ASP B 234 -2.17 -28.74 3.51
N GLU B 235 -3.10 -28.04 4.21
CA GLU B 235 -4.14 -27.23 3.54
C GLU B 235 -3.53 -26.07 2.77
N ILE B 236 -2.53 -25.37 3.34
CA ILE B 236 -1.92 -24.24 2.63
C ILE B 236 -0.99 -24.77 1.52
N LYS B 237 -0.25 -25.86 1.77
CA LYS B 237 0.65 -26.45 0.77
C LYS B 237 -0.14 -26.93 -0.45
N GLU B 238 -1.32 -27.55 -0.23
CA GLU B 238 -2.18 -28.01 -1.31
C GLU B 238 -2.79 -26.81 -2.06
N TYR B 239 -3.19 -25.75 -1.34
CA TYR B 239 -3.72 -24.54 -1.97
C TYR B 239 -2.67 -23.94 -2.91
N ILE B 240 -1.40 -23.86 -2.45
CA ILE B 240 -0.31 -23.30 -3.27
C ILE B 240 -0.13 -24.13 -4.56
N GLU B 241 -0.04 -25.47 -4.43
CA GLU B 241 0.16 -26.41 -5.54
C GLU B 241 -0.97 -26.37 -6.57
N LYS B 242 -2.22 -26.32 -6.11
CA LYS B 242 -3.41 -26.31 -6.96
C LYS B 242 -3.69 -24.95 -7.63
N THR B 243 -3.15 -23.85 -7.07
CA THR B 243 -3.46 -22.52 -7.56
C THR B 243 -2.42 -21.91 -8.50
N TYR B 244 -1.11 -22.13 -8.25
CA TYR B 244 -0.10 -21.34 -8.98
C TYR B 244 0.68 -22.03 -10.11
N ASP B 245 0.30 -23.24 -10.54
CA ASP B 245 0.90 -23.95 -11.70
C ASP B 245 2.48 -23.88 -11.70
N GLY B 246 3.09 -24.17 -10.56
CA GLY B 246 4.54 -24.18 -10.44
C GLY B 246 5.23 -22.83 -10.31
N ALA B 247 4.48 -21.72 -10.33
CA ALA B 247 5.07 -20.40 -10.13
C ALA B 247 5.37 -20.16 -8.65
N VAL B 248 4.68 -20.90 -7.76
CA VAL B 248 4.83 -20.83 -6.29
C VAL B 248 4.89 -22.27 -5.80
N ILE B 249 5.95 -22.61 -5.04
CA ILE B 249 6.19 -23.99 -4.59
C ILE B 249 6.29 -24.02 -3.07
N PRO B 250 5.51 -24.89 -2.37
CA PRO B 250 5.62 -24.95 -0.90
C PRO B 250 7.00 -25.44 -0.46
N PHE B 251 7.50 -24.89 0.64
CA PHE B 251 8.82 -25.28 1.12
C PHE B 251 8.74 -26.59 1.88
N GLU B 252 9.70 -27.49 1.65
CA GLU B 252 9.75 -28.77 2.36
C GLU B 252 11.22 -29.17 2.52
#